data_5VWB
#
_entry.id   5VWB
#
_cell.length_a   59.306
_cell.length_b   59.306
_cell.length_c   186.221
_cell.angle_alpha   90.00
_cell.angle_beta   90.00
_cell.angle_gamma   120.00
#
_symmetry.space_group_name_H-M   'P 31 2 1'
#
loop_
_entity.id
_entity.type
_entity.pdbx_description
1 polymer 'Ferredoxin--NADP reductase'
2 non-polymer 'MAGNESIUM ION'
3 non-polymer 'FLAVIN-ADENINE DINUCLEOTIDE'
4 non-polymer 'NADP NICOTINAMIDE-ADENINE-DINUCLEOTIDE PHOSPHATE'
5 water water
#
_entity_poly.entity_id   1
_entity_poly.type   'polypeptide(L)'
_entity_poly.pdbx_seq_one_letter_code
;SVQQASRSKVSVAPLHLESAKEPPLNTYKPKEPFTATIVSVESLVGPKAPGETCHIVIDHGGNVPYWEGQSYGVIPPGEN
PKKPGAPQNVRLYSIASTRYGDNFDGRTGSLCVRRAVYYDPETGKEDPSKNGVCSNFLCNSKPGDKIQLTGPSGKIMLLP
EEDPNATHIMIATGTGVAPFRGYLRRMFMEDVPNYRFGGLAWLFLGVANSDSLLYDEEFTSYLKQYPDNFRYDKALSREQ
KNRSGGKMYVQDKIEEYSDEIFKLLDGGAHIYFCGLKGMMPGIQDTLKKVAERRGESWDQKLAQLKKNKQWHVEVF
;
_entity_poly.pdbx_strand_id   A
#
loop_
_chem_comp.id
_chem_comp.type
_chem_comp.name
_chem_comp.formula
FAD non-polymer 'FLAVIN-ADENINE DINUCLEOTIDE' 'C27 H33 N9 O15 P2'
MG non-polymer 'MAGNESIUM ION' 'Mg 2'
NAP non-polymer 'NADP NICOTINAMIDE-ADENINE-DINUCLEOTIDE PHOSPHATE' 'C21 H28 N7 O17 P3'
#
# COMPACT_ATOMS: atom_id res chain seq x y z
N SER A 8 16.29 20.39 -0.01
CA SER A 8 14.94 20.03 0.37
C SER A 8 14.70 18.50 0.44
N LYS A 9 15.22 17.74 -0.52
CA LYS A 9 15.08 16.29 -0.42
C LYS A 9 15.97 15.75 0.69
N VAL A 10 15.55 14.64 1.27
CA VAL A 10 16.14 14.12 2.50
C VAL A 10 17.30 13.23 2.13
N SER A 11 18.47 13.46 2.73
CA SER A 11 19.59 12.55 2.54
C SER A 11 19.22 11.16 3.02
N VAL A 12 19.48 10.16 2.18
CA VAL A 12 19.27 8.76 2.53
C VAL A 12 20.59 8.03 2.38
N ALA A 13 20.75 6.95 3.16
CA ALA A 13 21.94 6.13 3.18
C ALA A 13 21.55 4.70 3.48
N PRO A 14 22.32 3.71 3.00
CA PRO A 14 23.50 3.85 2.14
C PRO A 14 23.12 3.78 0.66
N LEU A 15 23.88 4.52 -0.16
CA LEU A 15 23.58 4.52 -1.59
C LEU A 15 23.78 3.15 -2.23
N HIS A 16 24.51 2.21 -1.59
CA HIS A 16 24.68 0.90 -2.20
C HIS A 16 23.37 0.11 -2.27
N LEU A 17 22.29 0.57 -1.64
CA LEU A 17 21.02 -0.10 -1.84
C LEU A 17 20.49 0.06 -3.24
N GLU A 18 21.03 1.00 -3.99
CA GLU A 18 20.67 1.19 -5.39
C GLU A 18 21.40 0.22 -6.31
N SER A 19 22.41 -0.50 -5.80
CA SER A 19 23.32 -1.21 -6.68
C SER A 19 22.69 -2.48 -7.24
N ALA A 20 21.93 -3.20 -6.42
CA ALA A 20 21.37 -4.48 -6.80
C ALA A 20 20.63 -4.37 -8.12
N LYS A 21 20.89 -5.33 -9.01
CA LYS A 21 20.26 -5.35 -10.32
C LYS A 21 18.84 -5.92 -10.26
N GLU A 22 18.57 -6.82 -9.32
CA GLU A 22 17.31 -7.53 -9.25
C GLU A 22 16.72 -7.41 -7.86
N PRO A 23 15.39 -7.30 -7.74
CA PRO A 23 14.77 -7.26 -6.43
C PRO A 23 15.14 -8.50 -5.63
N PRO A 24 15.35 -8.36 -4.33
CA PRO A 24 15.49 -9.56 -3.50
C PRO A 24 14.17 -10.30 -3.36
N LEU A 25 14.26 -11.60 -3.19
CA LEU A 25 13.08 -12.45 -3.09
CA LEU A 25 13.09 -12.45 -3.11
C LEU A 25 13.35 -13.59 -2.14
N ASN A 26 12.50 -13.74 -1.13
CA ASN A 26 12.53 -14.89 -0.23
C ASN A 26 13.90 -15.08 0.37
N THR A 27 14.54 -13.98 0.68
CA THR A 27 15.79 -14.04 1.42
C THR A 27 15.67 -14.93 2.65
N TYR A 28 14.58 -14.81 3.40
CA TYR A 28 14.28 -15.69 4.51
C TYR A 28 12.97 -16.40 4.27
N LYS A 29 12.92 -17.66 4.63
CA LYS A 29 11.68 -18.40 4.44
C LYS A 29 11.17 -18.89 5.79
N PRO A 30 9.94 -19.41 5.85
CA PRO A 30 9.32 -19.73 7.15
C PRO A 30 10.08 -20.73 7.98
N LYS A 31 10.81 -21.64 7.33
CA LYS A 31 11.57 -22.64 8.07
C LYS A 31 12.63 -21.99 8.96
N GLU A 32 13.19 -20.86 8.56
CA GLU A 32 14.18 -20.15 9.37
C GLU A 32 13.98 -18.67 9.14
N PRO A 33 13.03 -18.06 9.83
CA PRO A 33 12.79 -16.63 9.64
C PRO A 33 13.92 -15.79 10.21
N PHE A 34 13.85 -14.50 9.94
CA PHE A 34 14.76 -13.53 10.52
C PHE A 34 14.09 -12.92 11.72
N THR A 35 14.78 -12.91 12.85
CA THR A 35 14.25 -12.33 14.07
C THR A 35 14.56 -10.84 14.09
N ALA A 36 13.56 -10.02 13.73
CA ALA A 36 13.71 -8.58 13.72
C ALA A 36 13.22 -7.99 15.04
N THR A 37 13.33 -6.65 15.18
CA THR A 37 12.98 -6.00 16.45
C THR A 37 12.11 -4.78 16.18
N ILE A 38 11.02 -4.69 16.91
CA ILE A 38 10.13 -3.55 16.77
C ILE A 38 10.83 -2.30 17.23
N VAL A 39 10.70 -1.23 16.45
CA VAL A 39 11.20 0.05 16.88
C VAL A 39 10.10 0.90 17.48
N SER A 40 8.94 0.97 16.84
CA SER A 40 7.84 1.79 17.31
C SER A 40 6.54 1.26 16.74
N VAL A 41 5.46 1.57 17.45
CA VAL A 41 4.10 1.28 17.02
C VAL A 41 3.22 2.46 17.40
N GLU A 42 2.46 2.97 16.44
CA GLU A 42 1.56 4.10 16.67
C GLU A 42 0.29 3.95 15.85
N SER A 43 -0.82 4.38 16.43
CA SER A 43 -2.05 4.50 15.67
C SER A 43 -1.92 5.62 14.64
N LEU A 44 -2.47 5.35 13.46
CA LEU A 44 -2.52 6.32 12.40
C LEU A 44 -3.86 7.03 12.33
N VAL A 45 -4.81 6.68 13.20
CA VAL A 45 -6.19 7.13 12.99
C VAL A 45 -6.74 7.79 14.24
N GLY A 46 -7.86 8.51 14.05
CA GLY A 46 -8.56 9.16 15.11
C GLY A 46 -9.73 8.36 15.65
N PRO A 47 -10.41 8.92 16.64
CA PRO A 47 -11.38 8.12 17.40
C PRO A 47 -12.60 7.69 16.62
N LYS A 48 -12.97 8.39 15.55
CA LYS A 48 -14.16 8.08 14.77
C LYS A 48 -13.88 7.04 13.70
N ALA A 49 -12.66 6.54 13.62
CA ALA A 49 -12.36 5.51 12.67
C ALA A 49 -13.02 4.21 13.11
N PRO A 50 -13.57 3.44 12.18
CA PRO A 50 -14.23 2.19 12.56
C PRO A 50 -13.29 1.19 13.22
N GLY A 51 -11.98 1.30 13.00
CA GLY A 51 -11.04 0.43 13.66
C GLY A 51 -9.66 1.03 13.65
N GLU A 52 -8.76 0.44 14.43
CA GLU A 52 -7.41 0.94 14.50
C GLU A 52 -6.56 0.43 13.37
N THR A 53 -5.85 1.34 12.72
CA THR A 53 -4.76 1.01 11.81
C THR A 53 -3.51 1.59 12.43
N CYS A 54 -2.44 0.78 12.49
CA CYS A 54 -1.20 1.21 13.13
CA CYS A 54 -1.19 1.17 13.13
C CYS A 54 -0.03 1.17 12.16
N HIS A 55 0.93 2.04 12.43
CA HIS A 55 2.19 2.10 11.69
C HIS A 55 3.27 1.44 12.54
N ILE A 56 3.90 0.42 12.00
CA ILE A 56 4.86 -0.37 12.72
C ILE A 56 6.20 -0.22 12.04
N VAL A 57 7.23 0.17 12.81
CA VAL A 57 8.59 0.33 12.31
C VAL A 57 9.40 -0.83 12.85
N ILE A 58 10.06 -1.55 11.96
CA ILE A 58 10.77 -2.80 12.27
C ILE A 58 12.24 -2.65 11.90
N ASP A 59 13.14 -2.92 12.85
CA ASP A 59 14.58 -2.91 12.59
C ASP A 59 15.00 -4.31 12.11
N HIS A 60 15.38 -4.40 10.84
CA HIS A 60 15.92 -5.64 10.25
C HIS A 60 17.43 -5.59 10.10
N GLY A 61 18.05 -4.49 10.51
CA GLY A 61 19.50 -4.40 10.60
C GLY A 61 20.22 -4.41 9.28
N GLY A 62 19.51 -4.19 8.17
CA GLY A 62 20.08 -4.36 6.85
C GLY A 62 20.09 -5.79 6.37
N ASN A 63 19.57 -6.73 7.17
CA ASN A 63 19.59 -8.14 6.83
C ASN A 63 18.45 -8.53 5.90
N VAL A 64 17.39 -7.74 5.84
CA VAL A 64 16.26 -8.05 4.97
C VAL A 64 15.90 -6.87 4.07
N PRO A 65 16.80 -6.45 3.18
CA PRO A 65 16.48 -5.36 2.27
C PRO A 65 15.40 -5.77 1.29
N TYR A 66 14.76 -4.75 0.72
CA TYR A 66 13.63 -4.88 -0.20
C TYR A 66 13.62 -3.68 -1.14
N TRP A 67 12.81 -3.79 -2.20
CA TRP A 67 12.48 -2.68 -3.08
C TRP A 67 11.06 -2.20 -2.78
N GLU A 68 10.78 -0.97 -3.18
CA GLU A 68 9.45 -0.41 -2.95
C GLU A 68 8.41 -1.27 -3.64
N GLY A 69 7.27 -1.46 -2.99
CA GLY A 69 6.22 -2.30 -3.51
C GLY A 69 6.23 -3.73 -3.04
N GLN A 70 7.29 -4.18 -2.36
CA GLN A 70 7.35 -5.55 -1.91
C GLN A 70 6.61 -5.71 -0.58
N SER A 71 6.55 -6.97 -0.13
CA SER A 71 5.91 -7.39 1.10
C SER A 71 6.89 -8.10 2.01
N TYR A 72 6.62 -8.00 3.31
CA TYR A 72 7.21 -8.86 4.33
C TYR A 72 6.17 -9.87 4.76
N GLY A 73 6.63 -11.06 5.10
CA GLY A 73 5.83 -12.01 5.85
C GLY A 73 6.14 -11.91 7.33
N VAL A 74 5.11 -12.11 8.16
CA VAL A 74 5.24 -12.15 9.62
C VAL A 74 4.63 -13.46 10.07
N ILE A 75 5.36 -14.17 10.92
CA ILE A 75 4.85 -15.40 11.52
C ILE A 75 4.48 -15.04 12.96
N PRO A 76 3.20 -14.95 13.29
CA PRO A 76 2.83 -14.66 14.67
C PRO A 76 3.17 -15.81 15.59
N PRO A 77 3.37 -15.53 16.87
CA PRO A 77 3.69 -16.60 17.83
C PRO A 77 2.50 -17.53 18.07
N GLY A 78 2.80 -18.67 18.65
CA GLY A 78 1.79 -19.68 18.94
C GLY A 78 1.88 -20.82 17.95
N GLU A 79 1.01 -21.81 18.14
CA GLU A 79 0.96 -22.94 17.23
C GLU A 79 -0.22 -22.83 16.27
N ASN A 80 -0.08 -23.53 15.16
CA ASN A 80 -1.14 -23.62 14.19
C ASN A 80 -2.37 -24.19 14.89
N PRO A 81 -3.48 -23.46 14.95
CA PRO A 81 -4.68 -24.04 15.60
C PRO A 81 -5.20 -25.24 14.86
N LYS A 82 -4.94 -25.35 13.56
CA LYS A 82 -5.37 -26.50 12.79
C LYS A 82 -4.37 -27.64 12.86
N LYS A 83 -3.08 -27.31 12.96
CA LYS A 83 -1.99 -28.28 12.90
C LYS A 83 -1.18 -28.16 14.17
N PRO A 84 -1.65 -28.74 15.28
CA PRO A 84 -0.85 -28.76 16.50
C PRO A 84 0.55 -29.28 16.23
N GLY A 85 1.52 -28.74 16.96
CA GLY A 85 2.91 -29.04 16.70
C GLY A 85 3.44 -28.41 15.43
N ALA A 86 2.93 -27.24 15.05
CA ALA A 86 3.39 -26.51 13.87
C ALA A 86 3.31 -25.01 14.15
N PRO A 87 4.20 -24.22 13.57
CA PRO A 87 4.10 -22.77 13.76
C PRO A 87 2.90 -22.24 13.00
N GLN A 88 2.56 -21.00 13.31
CA GLN A 88 1.50 -20.32 12.60
C GLN A 88 1.90 -20.05 11.16
N ASN A 89 0.89 -19.94 10.31
CA ASN A 89 1.17 -19.57 8.94
C ASN A 89 1.61 -18.11 8.84
N VAL A 90 2.37 -17.84 7.77
CA VAL A 90 2.76 -16.48 7.41
C VAL A 90 1.53 -15.64 7.03
N ARG A 91 1.54 -14.39 7.49
CA ARG A 91 0.68 -13.37 6.94
C ARG A 91 1.56 -12.36 6.20
N LEU A 92 1.14 -11.97 5.00
CA LEU A 92 1.89 -10.98 4.25
C LEU A 92 1.37 -9.59 4.55
N TYR A 93 2.30 -8.64 4.63
CA TYR A 93 1.99 -7.22 4.77
C TYR A 93 2.77 -6.42 3.73
N SER A 94 2.06 -5.55 3.01
CA SER A 94 2.68 -4.60 2.11
C SER A 94 3.61 -3.69 2.88
N ILE A 95 4.85 -3.58 2.42
CA ILE A 95 5.79 -2.68 3.06
C ILE A 95 5.41 -1.24 2.72
N ALA A 96 5.27 -0.40 3.75
CA ALA A 96 4.84 0.98 3.58
C ALA A 96 6.00 1.97 3.51
N SER A 97 7.22 1.49 3.54
CA SER A 97 8.40 2.33 3.56
C SER A 97 9.17 2.21 2.26
N THR A 98 10.06 3.19 2.04
CA THR A 98 11.05 3.03 0.99
C THR A 98 12.13 2.05 1.45
N ARG A 99 12.99 1.65 0.50
CA ARG A 99 14.08 0.74 0.84
C ARG A 99 15.00 1.31 1.91
N TYR A 100 15.03 2.63 2.08
CA TYR A 100 15.83 3.27 3.12
C TYR A 100 15.10 3.32 4.45
N GLY A 101 13.77 3.23 4.42
CA GLY A 101 12.99 3.23 5.63
C GLY A 101 12.79 4.61 6.22
N ASP A 102 12.00 4.62 7.29
CA ASP A 102 11.56 5.86 7.90
C ASP A 102 12.69 6.57 8.65
N ASN A 103 13.80 5.89 8.93
CA ASN A 103 14.95 6.53 9.56
CA ASN A 103 14.99 6.46 9.57
C ASN A 103 16.06 6.83 8.54
N PHE A 104 15.76 6.68 7.25
CA PHE A 104 16.63 7.08 6.15
C PHE A 104 18.00 6.44 6.19
N ASP A 105 18.06 5.21 6.70
CA ASP A 105 19.33 4.58 6.96
C ASP A 105 19.44 3.14 6.49
N GLY A 106 18.44 2.59 5.82
CA GLY A 106 18.55 1.27 5.28
C GLY A 106 18.47 0.14 6.30
N ARG A 107 18.02 0.42 7.53
CA ARG A 107 17.97 -0.57 8.60
C ARG A 107 16.58 -0.96 9.02
N THR A 108 15.56 -0.18 8.65
CA THR A 108 14.20 -0.43 9.11
C THR A 108 13.25 -0.43 7.94
N GLY A 109 12.14 -1.15 8.13
CA GLY A 109 11.02 -1.11 7.22
C GLY A 109 9.75 -0.93 8.03
N SER A 110 8.66 -0.48 7.37
CA SER A 110 7.43 -0.19 8.08
C SER A 110 6.25 -0.91 7.47
N LEU A 111 5.28 -1.20 8.33
CA LEU A 111 4.05 -1.83 7.95
C LEU A 111 2.89 -0.94 8.37
N CYS A 112 1.78 -1.11 7.67
CA CYS A 112 0.55 -0.35 7.87
C CYS A 112 -0.53 -1.39 8.10
N VAL A 113 -0.95 -1.60 9.34
CA VAL A 113 -1.71 -2.77 9.72
C VAL A 113 -3.07 -2.38 10.33
N ARG A 114 -4.14 -2.87 9.71
CA ARG A 114 -5.48 -2.77 10.28
C ARG A 114 -5.75 -3.95 11.22
N ARG A 115 -6.12 -3.62 12.45
CA ARG A 115 -6.55 -4.65 13.40
C ARG A 115 -7.79 -5.35 12.90
N ALA A 116 -7.72 -6.66 12.81
CA ALA A 116 -8.90 -7.43 12.46
C ALA A 116 -9.60 -7.89 13.73
N VAL A 117 -10.82 -7.41 13.92
CA VAL A 117 -11.59 -7.64 15.13
C VAL A 117 -12.94 -8.25 14.75
N TYR A 118 -13.44 -9.13 15.60
CA TYR A 118 -14.73 -9.79 15.36
C TYR A 118 -15.80 -9.20 16.27
N TYR A 119 -16.97 -8.89 15.69
CA TYR A 119 -18.14 -8.39 16.42
C TYR A 119 -19.32 -9.29 16.11
N ASP A 120 -20.02 -9.73 17.14
CA ASP A 120 -21.20 -10.53 16.90
C ASP A 120 -22.17 -9.71 16.05
N PRO A 121 -22.64 -10.24 14.92
CA PRO A 121 -23.46 -9.43 14.02
C PRO A 121 -24.69 -8.81 14.68
N GLU A 122 -25.26 -9.45 15.69
CA GLU A 122 -26.49 -8.92 16.26
C GLU A 122 -26.24 -8.05 17.47
N THR A 123 -25.51 -8.56 18.46
CA THR A 123 -25.29 -7.84 19.71
C THR A 123 -24.12 -6.86 19.65
N GLY A 124 -23.32 -6.89 18.59
CA GLY A 124 -22.11 -6.11 18.51
C GLY A 124 -21.04 -6.48 19.51
N LYS A 125 -21.27 -7.48 20.35
CA LYS A 125 -20.26 -7.91 21.31
C LYS A 125 -19.00 -8.30 20.57
N GLU A 126 -17.92 -7.57 20.84
CA GLU A 126 -16.62 -8.00 20.39
C GLU A 126 -16.21 -9.28 21.11
N ASP A 127 -15.50 -10.15 20.40
CA ASP A 127 -15.02 -11.40 20.98
C ASP A 127 -13.55 -11.52 20.63
N PRO A 128 -12.65 -11.20 21.57
CA PRO A 128 -11.21 -11.28 21.24
C PRO A 128 -10.72 -12.66 20.84
N SER A 129 -11.39 -13.76 21.24
CA SER A 129 -10.93 -15.06 20.78
C SER A 129 -11.13 -15.25 19.28
N LYS A 130 -11.94 -14.40 18.67
CA LYS A 130 -12.15 -14.46 17.23
C LYS A 130 -11.44 -13.33 16.49
N ASN A 131 -10.54 -12.60 17.15
CA ASN A 131 -9.87 -11.52 16.45
CA ASN A 131 -9.80 -11.52 16.51
C ASN A 131 -8.71 -12.08 15.61
N GLY A 132 -8.22 -11.25 14.69
CA GLY A 132 -7.13 -11.68 13.83
C GLY A 132 -5.83 -11.78 14.62
N VAL A 133 -5.14 -12.92 14.49
CA VAL A 133 -3.98 -13.21 15.34
C VAL A 133 -2.85 -12.25 15.01
N CYS A 134 -2.42 -12.20 13.75
CA CYS A 134 -1.21 -11.46 13.42
C CYS A 134 -1.43 -9.95 13.42
N SER A 135 -2.59 -9.47 12.96
CA SER A 135 -2.80 -8.02 12.92
C SER A 135 -2.80 -7.44 14.32
N ASN A 136 -3.43 -8.12 15.26
CA ASN A 136 -3.47 -7.63 16.64
C ASN A 136 -2.14 -7.85 17.35
N PHE A 137 -1.49 -8.99 17.10
CA PHE A 137 -0.12 -9.17 17.58
C PHE A 137 0.75 -7.98 17.18
N LEU A 138 0.63 -7.53 15.93
CA LEU A 138 1.47 -6.44 15.47
C LEU A 138 1.07 -5.13 16.12
N CYS A 139 -0.22 -4.79 16.09
CA CYS A 139 -0.56 -3.47 16.66
CA CYS A 139 -0.68 -3.51 16.67
C CYS A 139 -0.48 -3.46 18.18
N ASN A 140 -0.43 -4.62 18.83
CA ASN A 140 -0.16 -4.69 20.26
C ASN A 140 1.33 -4.65 20.59
N SER A 141 2.21 -4.63 19.60
CA SER A 141 3.64 -4.74 19.84
C SER A 141 4.20 -3.46 20.43
N LYS A 142 5.34 -3.60 21.11
CA LYS A 142 6.01 -2.50 21.79
C LYS A 142 7.46 -2.46 21.38
N PRO A 143 8.12 -1.31 21.55
CA PRO A 143 9.55 -1.25 21.24
C PRO A 143 10.32 -2.34 21.98
N GLY A 144 11.23 -2.99 21.27
CA GLY A 144 12.02 -4.09 21.77
C GLY A 144 11.43 -5.48 21.54
N ASP A 145 10.14 -5.61 21.27
CA ASP A 145 9.55 -6.89 20.94
C ASP A 145 10.21 -7.48 19.69
N LYS A 146 10.24 -8.82 19.63
CA LYS A 146 10.85 -9.56 18.54
C LYS A 146 9.76 -10.04 17.57
N ILE A 147 10.07 -10.03 16.29
CA ILE A 147 9.12 -10.47 15.28
CA ILE A 147 9.12 -10.43 15.25
C ILE A 147 9.84 -11.34 14.26
N GLN A 148 9.20 -12.45 13.88
CA GLN A 148 9.74 -13.40 12.90
C GLN A 148 9.36 -12.94 11.51
N LEU A 149 10.36 -12.48 10.77
CA LEU A 149 10.17 -11.89 9.44
C LEU A 149 10.53 -12.89 8.36
N THR A 150 9.72 -12.95 7.30
CA THR A 150 10.09 -13.72 6.11
C THR A 150 10.01 -12.82 4.89
N GLY A 151 10.59 -13.28 3.78
CA GLY A 151 10.55 -12.54 2.55
C GLY A 151 11.90 -11.87 2.24
N PRO A 152 11.89 -10.72 1.55
CA PRO A 152 10.70 -10.07 1.02
C PRO A 152 10.11 -10.85 -0.15
N SER A 153 8.90 -10.47 -0.56
CA SER A 153 8.23 -11.14 -1.67
C SER A 153 7.48 -10.11 -2.52
N GLY A 154 7.21 -10.49 -3.76
CA GLY A 154 6.39 -9.68 -4.63
C GLY A 154 7.19 -9.06 -5.74
N LYS A 155 6.62 -9.07 -6.94
CA LYS A 155 7.17 -8.41 -8.10
C LYS A 155 6.15 -7.55 -8.80
N ILE A 156 4.85 -7.83 -8.61
CA ILE A 156 3.80 -7.17 -9.36
C ILE A 156 3.82 -5.68 -9.10
N MET A 157 4.08 -5.29 -7.86
CA MET A 157 3.98 -3.91 -7.42
C MET A 157 5.35 -3.23 -7.34
N LEU A 158 6.36 -3.79 -7.97
CA LEU A 158 7.59 -3.05 -8.15
C LEU A 158 7.34 -1.83 -9.04
N LEU A 159 8.03 -0.74 -8.73
CA LEU A 159 7.83 0.52 -9.45
C LEU A 159 8.66 0.54 -10.73
N PRO A 160 8.04 0.64 -11.91
CA PRO A 160 8.82 0.71 -13.15
C PRO A 160 9.53 2.06 -13.21
N GLU A 161 10.85 2.00 -13.24
CA GLU A 161 11.65 3.21 -13.20
C GLU A 161 12.32 3.51 -14.53
N GLU A 162 12.05 2.70 -15.58
CA GLU A 162 12.68 2.95 -16.88
C GLU A 162 12.42 4.38 -17.40
N ASP A 163 11.20 4.91 -17.23
CA ASP A 163 10.89 6.28 -17.65
C ASP A 163 10.70 7.12 -16.40
N PRO A 164 11.66 7.97 -16.03
CA PRO A 164 11.53 8.77 -14.82
C PRO A 164 10.49 9.84 -14.94
N ASN A 165 9.89 10.02 -16.12
CA ASN A 165 8.77 10.92 -16.30
C ASN A 165 7.51 10.16 -16.68
N ALA A 166 7.40 8.94 -16.21
CA ALA A 166 6.21 8.14 -16.41
C ALA A 166 5.03 8.73 -15.62
N THR A 167 3.83 8.26 -15.95
CA THR A 167 2.65 8.60 -15.16
C THR A 167 2.24 7.35 -14.38
N HIS A 168 1.98 7.55 -13.08
CA HIS A 168 1.65 6.48 -12.15
C HIS A 168 0.33 6.81 -11.46
N ILE A 169 -0.71 6.06 -11.78
CA ILE A 169 -2.06 6.25 -11.23
C ILE A 169 -2.26 5.18 -10.16
N MET A 170 -2.31 5.62 -8.90
CA MET A 170 -2.36 4.73 -7.75
C MET A 170 -3.74 4.74 -7.08
N ILE A 171 -4.37 3.56 -7.03
CA ILE A 171 -5.73 3.38 -6.51
C ILE A 171 -5.62 2.54 -5.24
N ALA A 172 -5.96 3.13 -4.09
CA ALA A 172 -5.85 2.44 -2.80
C ALA A 172 -7.15 2.50 -2.02
N THR A 173 -7.48 1.42 -1.34
CA THR A 173 -8.45 1.43 -0.25
C THR A 173 -7.78 0.96 1.04
N GLY A 174 -8.00 1.71 2.12
CA GLY A 174 -7.40 1.39 3.43
C GLY A 174 -5.89 1.16 3.39
N THR A 175 -5.46 0.08 4.03
CA THR A 175 -4.05 -0.26 4.11
C THR A 175 -3.45 -0.50 2.75
N GLY A 176 -4.27 -0.59 1.70
CA GLY A 176 -3.73 -0.61 0.34
C GLY A 176 -2.89 0.60 -0.03
N VAL A 177 -2.97 1.68 0.72
CA VAL A 177 -2.10 2.82 0.52
C VAL A 177 -0.62 2.49 0.71
N ALA A 178 -0.31 1.42 1.42
CA ALA A 178 1.07 1.15 1.85
C ALA A 178 2.15 1.24 0.78
N PRO A 179 2.05 0.52 -0.34
CA PRO A 179 3.10 0.66 -1.37
C PRO A 179 3.25 2.07 -1.89
N PHE A 180 2.14 2.80 -1.99
CA PHE A 180 2.14 4.13 -2.55
C PHE A 180 2.80 5.12 -1.62
N ARG A 181 2.73 4.91 -0.30
CA ARG A 181 3.57 5.70 0.58
C ARG A 181 5.04 5.52 0.23
N GLY A 182 5.45 4.30 -0.08
CA GLY A 182 6.83 4.06 -0.46
C GLY A 182 7.19 4.64 -1.82
N TYR A 183 6.36 4.38 -2.84
CA TYR A 183 6.55 5.04 -4.14
C TYR A 183 6.79 6.52 -3.97
N LEU A 184 5.89 7.18 -3.25
CA LEU A 184 5.85 8.62 -3.28
C LEU A 184 7.01 9.24 -2.52
N ARG A 185 7.45 8.61 -1.43
CA ARG A 185 8.66 9.10 -0.76
C ARG A 185 9.85 9.03 -1.70
N ARG A 186 9.97 7.93 -2.45
CA ARG A 186 11.06 7.80 -3.41
C ARG A 186 10.93 8.82 -4.52
N MET A 187 9.71 9.12 -4.94
CA MET A 187 9.49 10.09 -6.02
C MET A 187 9.75 11.53 -5.57
N PHE A 188 9.33 11.92 -4.34
CA PHE A 188 9.34 13.33 -3.92
C PHE A 188 10.14 13.66 -2.66
N MET A 189 10.33 12.71 -1.75
CA MET A 189 10.90 13.09 -0.46
C MET A 189 12.40 12.83 -0.34
N GLU A 190 12.90 11.71 -0.84
CA GLU A 190 14.27 11.27 -0.59
C GLU A 190 15.20 11.72 -1.71
N ASP A 191 16.45 11.96 -1.36
CA ASP A 191 17.46 12.36 -2.33
C ASP A 191 18.12 11.13 -2.95
N VAL A 192 17.53 10.67 -4.05
CA VAL A 192 17.97 9.47 -4.76
C VAL A 192 18.53 9.94 -6.10
N PRO A 193 19.85 10.11 -6.24
CA PRO A 193 20.36 10.71 -7.48
C PRO A 193 20.07 9.87 -8.70
N ASN A 194 19.89 8.58 -8.57
CA ASN A 194 19.70 7.80 -9.77
C ASN A 194 18.22 7.69 -10.18
N TYR A 195 17.28 8.32 -9.45
CA TYR A 195 15.86 8.35 -9.83
C TYR A 195 15.28 9.73 -9.53
N ARG A 196 15.22 10.59 -10.56
CA ARG A 196 14.67 11.93 -10.44
C ARG A 196 13.32 11.91 -11.16
N PHE A 197 12.25 11.79 -10.40
CA PHE A 197 10.93 11.65 -10.99
C PHE A 197 10.42 13.00 -11.46
N GLY A 198 9.91 13.04 -12.70
CA GLY A 198 9.42 14.28 -13.27
C GLY A 198 8.10 14.12 -13.98
N GLY A 199 7.41 13.02 -13.70
CA GLY A 199 6.17 12.70 -14.36
C GLY A 199 5.00 13.17 -13.53
N LEU A 200 3.92 12.41 -13.61
CA LEU A 200 2.70 12.64 -12.82
C LEU A 200 2.44 11.42 -11.95
N ALA A 201 2.31 11.65 -10.66
CA ALA A 201 1.86 10.63 -9.72
C ALA A 201 0.49 11.05 -9.22
N TRP A 202 -0.50 10.16 -9.31
CA TRP A 202 -1.88 10.50 -8.98
C TRP A 202 -2.39 9.46 -8.01
N LEU A 203 -2.60 9.85 -6.74
CA LEU A 203 -3.08 8.95 -5.69
C LEU A 203 -4.56 9.15 -5.50
N PHE A 204 -5.30 8.06 -5.63
CA PHE A 204 -6.69 7.98 -5.18
C PHE A 204 -6.74 7.13 -3.92
N LEU A 205 -7.39 7.64 -2.87
CA LEU A 205 -7.45 6.90 -1.61
C LEU A 205 -8.87 6.86 -1.05
N GLY A 206 -9.31 5.65 -0.74
CA GLY A 206 -10.63 5.42 -0.19
C GLY A 206 -10.52 4.92 1.24
N VAL A 207 -11.09 5.67 2.18
CA VAL A 207 -11.18 5.28 3.58
C VAL A 207 -12.53 5.72 4.12
N ALA A 208 -12.85 5.27 5.33
CA ALA A 208 -14.22 5.38 5.82
C ALA A 208 -14.61 6.83 6.10
N ASN A 209 -13.72 7.58 6.74
CA ASN A 209 -14.06 8.94 7.14
C ASN A 209 -12.75 9.69 7.35
N SER A 210 -12.87 10.97 7.69
CA SER A 210 -11.68 11.81 7.86
C SER A 210 -10.76 11.23 8.92
N ASP A 211 -11.31 10.70 10.01
CA ASP A 211 -10.50 10.11 11.05
C ASP A 211 -9.74 8.86 10.59
N SER A 212 -10.14 8.23 9.49
CA SER A 212 -9.48 7.04 8.99
C SER A 212 -8.43 7.35 7.92
N LEU A 213 -8.17 8.62 7.65
CA LEU A 213 -7.14 8.91 6.68
C LEU A 213 -5.78 8.43 7.17
N LEU A 214 -4.94 8.05 6.21
CA LEU A 214 -3.65 7.45 6.50
C LEU A 214 -2.57 8.25 5.79
N TYR A 215 -1.66 8.82 6.58
CA TYR A 215 -0.53 9.60 6.04
C TYR A 215 -0.99 10.83 5.27
N ASP A 216 -2.15 11.38 5.63
CA ASP A 216 -2.72 12.48 4.87
C ASP A 216 -1.80 13.67 4.87
N GLU A 217 -1.15 13.96 6.01
CA GLU A 217 -0.30 15.13 6.09
C GLU A 217 0.85 15.05 5.09
N GLU A 218 1.42 13.85 4.94
CA GLU A 218 2.54 13.63 4.04
C GLU A 218 2.09 13.85 2.60
N PHE A 219 0.91 13.35 2.25
CA PHE A 219 0.45 13.48 0.87
C PHE A 219 0.06 14.93 0.56
N THR A 220 -0.59 15.62 1.49
CA THR A 220 -0.93 17.01 1.26
CA THR A 220 -0.94 17.01 1.25
C THR A 220 0.31 17.87 1.09
N SER A 221 1.40 17.52 1.77
CA SER A 221 2.64 18.26 1.59
CA SER A 221 2.66 18.24 1.60
C SER A 221 3.19 18.10 0.18
N TYR A 222 3.05 16.90 -0.42
CA TYR A 222 3.51 16.76 -1.80
C TYR A 222 2.69 17.61 -2.73
N LEU A 223 1.38 17.70 -2.47
CA LEU A 223 0.53 18.57 -3.27
C LEU A 223 1.07 19.99 -3.30
N LYS A 224 1.53 20.49 -2.15
CA LYS A 224 2.05 21.85 -2.06
C LYS A 224 3.43 21.97 -2.72
N GLN A 225 4.32 20.99 -2.48
CA GLN A 225 5.69 21.06 -2.99
C GLN A 225 5.77 20.79 -4.49
N TYR A 226 4.93 19.90 -5.01
CA TYR A 226 5.03 19.41 -6.38
C TYR A 226 3.68 19.46 -7.07
N PRO A 227 3.07 20.64 -7.10
CA PRO A 227 1.70 20.75 -7.64
C PRO A 227 1.59 20.32 -9.08
N ASP A 228 2.70 20.25 -9.81
CA ASP A 228 2.61 19.89 -11.21
C ASP A 228 2.92 18.42 -11.43
N ASN A 229 3.33 17.71 -10.38
CA ASN A 229 3.71 16.31 -10.51
C ASN A 229 2.94 15.38 -9.60
N PHE A 230 2.08 15.91 -8.73
CA PHE A 230 1.33 15.07 -7.80
C PHE A 230 -0.10 15.56 -7.76
N ARG A 231 -1.03 14.62 -7.86
CA ARG A 231 -2.46 14.85 -7.66
C ARG A 231 -2.97 13.83 -6.65
N TYR A 232 -4.06 14.17 -5.95
CA TYR A 232 -4.47 13.45 -4.76
C TYR A 232 -5.97 13.59 -4.58
N ASP A 233 -6.72 12.50 -4.68
CA ASP A 233 -8.17 12.55 -4.49
C ASP A 233 -8.59 11.50 -3.49
N LYS A 234 -9.58 11.85 -2.67
CA LYS A 234 -10.03 11.01 -1.57
C LYS A 234 -11.52 10.71 -1.70
N ALA A 235 -11.86 9.47 -1.39
CA ALA A 235 -13.23 9.00 -1.28
C ALA A 235 -13.46 8.61 0.18
N LEU A 236 -14.19 9.44 0.93
CA LEU A 236 -14.55 9.19 2.32
C LEU A 236 -15.93 8.53 2.34
N SER A 237 -15.96 7.20 2.43
CA SER A 237 -17.17 6.47 2.09
C SER A 237 -18.34 6.80 3.00
N ARG A 238 -18.10 7.10 4.28
CA ARG A 238 -19.20 7.36 5.21
C ARG A 238 -19.44 8.83 5.46
N GLU A 239 -18.72 9.72 4.76
CA GLU A 239 -18.96 11.16 4.85
C GLU A 239 -19.37 11.80 3.54
N GLN A 240 -19.31 11.07 2.42
CA GLN A 240 -19.56 11.63 1.10
C GLN A 240 -20.42 10.64 0.33
N LYS A 241 -21.28 11.18 -0.52
CA LYS A 241 -22.11 10.37 -1.41
C LYS A 241 -21.67 10.56 -2.84
N ASN A 242 -21.77 9.49 -3.61
CA ASN A 242 -21.53 9.59 -5.04
C ASN A 242 -22.77 10.21 -5.70
N ARG A 243 -22.68 10.41 -7.01
CA ARG A 243 -23.75 11.10 -7.74
C ARG A 243 -25.07 10.34 -7.73
N SER A 244 -25.07 9.05 -7.44
CA SER A 244 -26.32 8.28 -7.45
C SER A 244 -26.86 8.01 -6.04
N GLY A 245 -26.32 8.68 -5.01
CA GLY A 245 -26.85 8.54 -3.66
C GLY A 245 -26.18 7.50 -2.79
N GLY A 246 -25.28 6.69 -3.35
CA GLY A 246 -24.57 5.68 -2.56
C GLY A 246 -23.30 6.23 -1.95
N LYS A 247 -22.65 5.36 -1.20
CA LYS A 247 -21.36 5.71 -0.58
C LYS A 247 -20.32 6.04 -1.64
N MET A 248 -19.57 7.13 -1.39
CA MET A 248 -18.47 7.51 -2.29
C MET A 248 -17.30 6.56 -2.12
N TYR A 249 -17.03 5.80 -3.16
CA TYR A 249 -15.94 4.84 -3.22
C TYR A 249 -14.94 5.31 -4.28
N VAL A 250 -13.76 4.68 -4.30
CA VAL A 250 -12.70 5.09 -5.20
CA VAL A 250 -12.70 5.10 -5.21
C VAL A 250 -13.13 4.98 -6.66
N GLN A 251 -13.99 4.00 -6.99
CA GLN A 251 -14.40 3.87 -8.39
C GLN A 251 -15.24 5.06 -8.82
N ASP A 252 -15.96 5.66 -7.89
CA ASP A 252 -16.74 6.84 -8.20
C ASP A 252 -15.85 8.05 -8.41
N LYS A 253 -14.76 8.14 -7.63
CA LYS A 253 -13.77 9.17 -7.89
CA LYS A 253 -13.77 9.18 -7.90
C LYS A 253 -13.10 8.96 -9.25
N ILE A 254 -12.78 7.71 -9.58
CA ILE A 254 -12.22 7.40 -10.88
C ILE A 254 -13.19 7.86 -11.97
N GLU A 255 -14.49 7.59 -11.77
CA GLU A 255 -15.48 8.00 -12.75
C GLU A 255 -15.46 9.51 -12.96
N GLU A 256 -15.25 10.28 -11.90
CA GLU A 256 -15.23 11.73 -12.05
C GLU A 256 -14.12 12.18 -13.01
N TYR A 257 -13.03 11.44 -13.08
CA TYR A 257 -11.90 11.76 -13.95
C TYR A 257 -11.76 10.75 -15.09
N SER A 258 -12.86 10.12 -15.49
CA SER A 258 -12.76 8.98 -16.40
C SER A 258 -12.09 9.37 -17.71
N ASP A 259 -12.44 10.52 -18.29
CA ASP A 259 -11.84 10.92 -19.56
C ASP A 259 -10.33 11.13 -19.42
N GLU A 260 -9.88 11.86 -18.40
CA GLU A 260 -8.44 12.08 -18.36
CA GLU A 260 -8.45 12.11 -18.24
C GLU A 260 -7.68 10.83 -17.91
N ILE A 261 -8.28 9.94 -17.10
CA ILE A 261 -7.60 8.68 -16.78
C ILE A 261 -7.43 7.83 -18.04
N PHE A 262 -8.47 7.75 -18.87
CA PHE A 262 -8.33 6.97 -20.11
C PHE A 262 -7.28 7.55 -21.04
N LYS A 263 -7.24 8.87 -21.18
CA LYS A 263 -6.19 9.49 -21.99
C LYS A 263 -4.82 9.12 -21.45
N LEU A 264 -4.63 9.19 -20.14
CA LEU A 264 -3.35 8.87 -19.55
C LEU A 264 -3.00 7.41 -19.80
N LEU A 265 -3.96 6.50 -19.61
CA LEU A 265 -3.70 5.10 -19.90
C LEU A 265 -3.33 4.92 -21.37
N ASP A 266 -4.11 5.54 -22.26
CA ASP A 266 -3.82 5.50 -23.69
C ASP A 266 -2.41 5.97 -23.99
N GLY A 267 -1.93 6.96 -23.23
CA GLY A 267 -0.60 7.50 -23.31
C GLY A 267 0.48 6.68 -22.65
N GLY A 268 0.16 5.52 -22.05
CA GLY A 268 1.17 4.65 -21.49
C GLY A 268 1.31 4.68 -19.98
N ALA A 269 0.38 5.32 -19.27
CA ALA A 269 0.43 5.43 -17.82
C ALA A 269 0.33 4.04 -17.19
N HIS A 270 1.00 3.90 -16.06
CA HIS A 270 0.81 2.76 -15.18
C HIS A 270 -0.36 3.00 -14.23
N ILE A 271 -1.16 1.97 -13.99
CA ILE A 271 -2.22 2.04 -13.01
C ILE A 271 -2.06 0.88 -12.04
N TYR A 272 -2.20 1.19 -10.75
CA TYR A 272 -1.95 0.30 -9.63
C TYR A 272 -3.19 0.23 -8.76
N PHE A 273 -3.48 -0.97 -8.26
CA PHE A 273 -4.62 -1.22 -7.37
C PHE A 273 -4.12 -2.02 -6.17
N CYS A 274 -4.35 -1.53 -4.96
CA CYS A 274 -3.94 -2.23 -3.76
C CYS A 274 -4.97 -1.99 -2.67
N GLY A 275 -5.28 -3.04 -1.91
CA GLY A 275 -6.28 -2.99 -0.87
C GLY A 275 -7.34 -4.05 -1.05
N LEU A 276 -8.61 -3.65 -0.87
CA LEU A 276 -9.74 -4.58 -0.83
C LEU A 276 -9.96 -5.22 -2.18
N LYS A 277 -9.93 -6.55 -2.21
CA LYS A 277 -10.26 -7.25 -3.45
C LYS A 277 -11.65 -6.88 -3.93
N GLY A 278 -12.55 -6.50 -3.02
CA GLY A 278 -13.92 -6.20 -3.38
C GLY A 278 -14.11 -4.90 -4.13
N MET A 279 -13.07 -4.09 -4.24
CA MET A 279 -13.19 -2.87 -5.02
C MET A 279 -13.04 -3.10 -6.52
N MET A 280 -12.44 -4.22 -6.93
CA MET A 280 -12.10 -4.32 -8.34
C MET A 280 -13.31 -4.42 -9.28
N PRO A 281 -14.38 -5.14 -8.93
CA PRO A 281 -15.49 -5.22 -9.89
C PRO A 281 -16.08 -3.86 -10.19
N GLY A 282 -16.12 -2.96 -9.22
CA GLY A 282 -16.64 -1.62 -9.49
C GLY A 282 -15.69 -0.78 -10.32
N ILE A 283 -14.40 -0.87 -10.05
CA ILE A 283 -13.44 -0.17 -10.88
C ILE A 283 -13.54 -0.67 -12.32
N GLN A 284 -13.65 -1.99 -12.49
CA GLN A 284 -13.76 -2.55 -13.82
C GLN A 284 -15.00 -1.99 -14.53
N ASP A 285 -16.18 -2.18 -13.91
CA ASP A 285 -17.42 -1.57 -14.39
C ASP A 285 -17.19 -0.15 -14.88
N THR A 286 -16.54 0.65 -14.04
CA THR A 286 -16.36 2.06 -14.34
C THR A 286 -15.45 2.26 -15.55
N LEU A 287 -14.32 1.55 -15.59
CA LEU A 287 -13.45 1.67 -16.76
C LEU A 287 -14.12 1.10 -18.00
N LYS A 288 -14.96 0.09 -17.83
CA LYS A 288 -15.61 -0.52 -18.97
C LYS A 288 -16.52 0.49 -19.68
N LYS A 289 -17.35 1.19 -18.90
CA LYS A 289 -18.30 2.15 -19.48
C LYS A 289 -17.58 3.21 -20.32
N VAL A 290 -16.42 3.67 -19.86
CA VAL A 290 -15.71 4.73 -20.59
C VAL A 290 -15.19 4.20 -21.91
N ALA A 291 -14.53 3.04 -21.87
CA ALA A 291 -14.05 2.43 -23.10
C ALA A 291 -15.20 2.28 -24.08
N GLU A 292 -16.32 1.78 -23.60
CA GLU A 292 -17.38 1.41 -24.53
C GLU A 292 -18.03 2.63 -25.16
N ARG A 293 -18.24 3.70 -24.38
CA ARG A 293 -18.80 4.91 -24.96
C ARG A 293 -17.92 5.44 -26.10
N ARG A 294 -16.61 5.20 -26.00
CA ARG A 294 -15.66 5.54 -27.06
C ARG A 294 -15.75 4.62 -28.26
N GLY A 295 -16.49 3.52 -28.15
CA GLY A 295 -16.60 2.55 -29.23
C GLY A 295 -15.63 1.38 -29.15
N GLU A 296 -14.98 1.19 -28.01
CA GLU A 296 -13.85 0.29 -27.83
C GLU A 296 -14.26 -0.88 -26.92
N SER A 297 -13.77 -2.08 -27.22
CA SER A 297 -13.96 -3.21 -26.32
C SER A 297 -13.04 -3.08 -25.10
N TRP A 298 -13.64 -2.98 -23.92
CA TRP A 298 -12.82 -2.97 -22.72
C TRP A 298 -12.04 -4.26 -22.57
N ASP A 299 -12.68 -5.40 -22.86
CA ASP A 299 -11.98 -6.67 -22.83
C ASP A 299 -10.65 -6.56 -23.56
N GLN A 300 -10.68 -6.03 -24.79
CA GLN A 300 -9.46 -5.92 -25.59
C GLN A 300 -8.53 -4.89 -25.02
N LYS A 301 -9.07 -3.78 -24.51
CA LYS A 301 -8.20 -2.74 -23.98
C LYS A 301 -7.46 -3.22 -22.74
N LEU A 302 -8.16 -3.88 -21.83
CA LEU A 302 -7.53 -4.40 -20.63
C LEU A 302 -6.46 -5.43 -20.98
N ALA A 303 -6.74 -6.30 -21.95
CA ALA A 303 -5.72 -7.22 -22.41
C ALA A 303 -4.50 -6.47 -22.91
N GLN A 304 -4.69 -5.40 -23.68
CA GLN A 304 -3.55 -4.61 -24.13
C GLN A 304 -2.80 -4.00 -22.95
N LEU A 305 -3.52 -3.38 -22.01
CA LEU A 305 -2.83 -2.77 -20.87
C LEU A 305 -1.98 -3.78 -20.13
N LYS A 306 -2.47 -5.01 -19.97
CA LYS A 306 -1.66 -6.03 -19.31
C LYS A 306 -0.47 -6.42 -20.18
N LYS A 307 -0.71 -6.64 -21.48
CA LYS A 307 0.38 -6.97 -22.39
C LYS A 307 1.48 -5.92 -22.34
N ASN A 308 1.12 -4.63 -22.25
CA ASN A 308 2.07 -3.53 -22.16
CA ASN A 308 2.13 -3.58 -22.17
C ASN A 308 2.65 -3.36 -20.75
N LYS A 309 2.33 -4.23 -19.80
CA LYS A 309 2.82 -4.14 -18.42
C LYS A 309 2.41 -2.83 -17.72
N GLN A 310 1.21 -2.32 -18.03
CA GLN A 310 0.66 -1.11 -17.40
C GLN A 310 -0.28 -1.38 -16.23
N TRP A 311 -0.65 -2.63 -15.98
CA TRP A 311 -1.76 -2.99 -15.09
C TRP A 311 -1.20 -3.78 -13.90
N HIS A 312 -1.28 -3.19 -12.72
CA HIS A 312 -0.61 -3.73 -11.53
C HIS A 312 -1.61 -3.90 -10.39
N VAL A 313 -1.94 -5.14 -10.04
CA VAL A 313 -2.98 -5.41 -9.08
C VAL A 313 -2.40 -6.21 -7.92
N GLU A 314 -2.63 -5.73 -6.71
CA GLU A 314 -2.36 -6.55 -5.52
C GLU A 314 -3.44 -6.27 -4.49
N VAL A 315 -4.52 -7.07 -4.52
CA VAL A 315 -5.66 -6.83 -3.66
C VAL A 315 -5.87 -8.08 -2.83
N PHE A 316 -6.51 -7.90 -1.70
CA PHE A 316 -6.54 -8.98 -0.74
C PHE A 316 -7.73 -8.81 0.19
MG MG B . -6.14 11.63 11.23
PA FAD C . -6.44 -14.25 11.03
O1A FAD C . -5.79 -14.79 9.78
O2A FAD C . -6.03 -14.83 12.37
O5B FAD C . -8.04 -14.38 10.93
C5B FAD C . -8.68 -13.94 9.71
C4B FAD C . -10.05 -13.36 10.02
O4B FAD C . -10.87 -14.36 10.59
C3B FAD C . -9.98 -12.19 10.99
O3B FAD C . -10.79 -11.14 10.47
C2B FAD C . -10.58 -12.75 12.26
O2B FAD C . -11.29 -11.81 13.06
C1B FAD C . -11.55 -13.76 11.68
N9A FAD C . -11.94 -14.84 12.58
C8A FAD C . -11.11 -15.65 13.24
N7A FAD C . -11.81 -16.55 13.96
C5A FAD C . -13.10 -16.34 13.71
C6A FAD C . -14.36 -16.92 14.15
N6A FAD C . -14.39 -17.98 14.98
N1A FAD C . -15.50 -16.40 13.69
C2A FAD C . -15.51 -15.36 12.86
N3A FAD C . -14.40 -14.76 12.42
C4A FAD C . -13.19 -15.22 12.80
N1 FAD C . -3.24 -6.41 5.92
C2 FAD C . -2.97 -5.20 6.47
O2 FAD C . -3.56 -4.84 7.52
N3 FAD C . -2.10 -4.38 5.89
C4 FAD C . -1.45 -4.65 4.76
O4 FAD C . -0.64 -3.82 4.28
C4X FAD C . -1.65 -5.95 4.11
N5 FAD C . -0.97 -6.34 2.99
C5X FAD C . -1.21 -7.57 2.45
C6 FAD C . -0.51 -7.94 1.29
C7 FAD C . -0.78 -9.15 0.67
C7M FAD C . -0.04 -9.56 -0.60
C8 FAD C . -1.81 -10.04 1.25
C8M FAD C . -2.16 -11.36 0.64
C9 FAD C . -2.49 -9.67 2.42
C9A FAD C . -2.24 -8.46 3.01
N10 FAD C . -2.88 -8.09 4.23
C10 FAD C . -2.63 -6.83 4.77
C1' FAD C . -3.76 -9.00 4.98
C2' FAD C . -2.91 -9.74 6.02
O2' FAD C . -1.97 -10.61 5.36
C3' FAD C . -3.80 -10.58 6.95
O3' FAD C . -4.61 -11.51 6.21
C4' FAD C . -4.66 -9.73 7.86
O4' FAD C . -3.80 -8.91 8.64
C5' FAD C . -5.42 -10.58 8.88
O5' FAD C . -4.55 -11.56 9.46
P FAD C . -4.77 -11.95 11.00
O1P FAD C . -3.68 -12.96 11.32
O2P FAD C . -4.88 -10.69 11.77
O3P FAD C . -6.19 -12.67 11.01
H51A FAD C . -8.78 -14.78 9.03
H52A FAD C . -8.06 -13.18 9.23
H4B FAD C . -10.50 -13.00 9.08
H3B FAD C . -8.94 -11.87 11.15
HO3A FAD C . -10.82 -10.40 11.10
H2B FAD C . -9.80 -13.26 12.84
HO2A FAD C . -10.67 -11.16 13.42
H1B FAD C . -12.45 -13.23 11.33
H8A FAD C . -10.03 -15.58 13.23
H61A FAD C . -13.52 -18.38 15.33
H62A FAD C . -15.27 -18.37 15.27
H2A FAD C . -16.47 -14.99 12.52
HN3 FAD C . -1.94 -3.45 6.34
H6 FAD C . 0.22 -7.28 0.88
HM71 FAD C . 0.84 -10.11 -0.33
HM72 FAD C . -0.67 -10.17 -1.19
HM73 FAD C . 0.23 -8.70 -1.14
HM81 FAD C . -2.94 -11.25 -0.05
HM82 FAD C . -2.46 -12.03 1.41
HM83 FAD C . -1.31 -11.76 0.15
H9 FAD C . -3.25 -10.32 2.83
H1'1 FAD C . -4.23 -9.70 4.30
H1'2 FAD C . -4.54 -8.42 5.48
H2' FAD C . -2.38 -9.00 6.62
HO2' FAD C . -2.44 -11.27 4.84
H3' FAD C . -3.12 -11.16 7.59
H4' FAD C . -5.37 -9.13 7.28
HO4' FAD C . -3.19 -9.48 9.15
H5'1 FAD C . -6.25 -11.08 8.39
H5'2 FAD C . -5.82 -9.94 9.66
PA NAP D . -11.67 -0.83 5.09
O1A NAP D . -11.78 0.26 6.19
O2A NAP D . -12.44 -2.04 5.33
O5B NAP D . -12.16 -0.19 3.63
C5B NAP D . -11.34 0.86 3.18
C4B NAP D . -12.30 1.70 2.27
O4B NAP D . -12.73 0.90 1.27
C3B NAP D . -13.51 2.11 3.12
O3B NAP D . -13.90 3.44 2.93
C2B NAP D . -14.57 1.12 2.61
O2B NAP D . -15.88 1.79 2.84
C1B NAP D . -14.28 1.02 1.33
N9A NAP D . -14.92 -0.08 0.66
C8A NAP D . -15.63 -1.09 1.16
N7A NAP D . -16.10 -1.82 0.13
C5A NAP D . -15.66 -1.26 -0.97
C6A NAP D . -15.83 -1.62 -2.27
N6A NAP D . -16.57 -2.75 -2.80
N1A NAP D . -15.31 -0.90 -3.26
C2A NAP D . -14.58 0.20 -2.95
N3A NAP D . -14.39 0.56 -1.65
C4A NAP D . -14.95 -0.16 -0.66
O3 NAP D . -10.14 -1.25 4.75
PN NAP D . -8.85 -1.63 5.73
O1N NAP D . -8.66 -0.58 6.81
O2N NAP D . -7.66 -1.85 4.86
O5D NAP D . -9.36 -3.06 6.36
C5D NAP D . -9.60 -4.17 5.49
C4D NAP D . -9.88 -5.43 6.38
O4D NAP D . -8.79 -5.74 7.02
C3D NAP D . -10.95 -5.12 7.47
O3D NAP D . -12.12 -5.69 7.23
C2D NAP D . -10.31 -5.76 8.70
O2D NAP D . -10.32 -7.26 8.55
C1D NAP D . -9.11 -5.35 8.57
P2B NAP D . -16.99 1.21 3.86
O1X NAP D . -17.89 0.30 3.05
O2X NAP D . -16.41 0.47 5.04
O3X NAP D . -17.82 2.34 4.31
H51A NAP D . -11.03 1.39 3.93
H52A NAP D . -10.60 0.51 2.67
H4B NAP D . -11.86 2.48 1.93
H3B NAP D . -13.33 1.94 4.06
HO3A NAP D . -14.55 3.47 2.38
H2B NAP D . -14.50 0.27 3.06
H1B NAP D . -14.56 1.85 0.89
H8A NAP D . -15.81 -1.25 2.06
H61A NAP D . -17.37 -2.64 -3.08
H62A NAP D . -16.19 -3.52 -2.82
H2A NAP D . -14.20 0.72 -3.63
H51N NAP D . -8.83 -4.33 4.93
H52N NAP D . -10.38 -3.99 4.94
H4D NAP D . -10.17 -6.18 5.83
H3D NAP D . -11.04 -4.16 7.59
HO3N NAP D . -12.26 -6.30 7.82
H2D NAP D . -10.72 -5.45 9.53
HO2N NAP D . -10.90 -7.59 9.09
H1D NAP D . -8.52 -5.82 9.17
#